data_6H9M
#
_entry.id   6H9M
#
_cell.length_a   36.009
_cell.length_b   298.178
_cell.length_c   29.297
_cell.angle_alpha   90.00
_cell.angle_beta   90.00
_cell.angle_gamma   90.00
#
_symmetry.space_group_name_H-M   'P 21 21 2'
#
loop_
_entity.id
_entity.type
_entity.pdbx_description
1 polymer 'Coiled-coil domain-containing protein 90B, mitochondrial,General control protein GCN4'
2 water water
#
_entity_poly.entity_id   1
_entity_poly.type   'polypeptide(L)'
_entity_poly.pdbx_seq_one_letter_code
;GAMGYDRRPVDITPLEQRKLTFDTHALVQDLETHGFDKTQAETIVSALTALSNVSLDTIYKEMVTQAQQEITVQQLMAHL
DAIRKDMKQLEWKVEELLSKVYHLENEVARLKKLVGER
;
_entity_poly.pdbx_strand_id   A,B,C
#
# COMPACT_ATOMS: atom_id res chain seq x y z
N ASP A 23 12.82 19.62 28.12
CA ASP A 23 13.45 18.40 27.53
C ASP A 23 14.88 18.24 28.08
N THR A 24 15.79 19.13 27.70
CA THR A 24 17.17 19.08 28.18
C THR A 24 17.21 19.27 29.69
N HIS A 25 16.61 20.37 30.15
CA HIS A 25 16.66 20.77 31.56
C HIS A 25 16.46 19.61 32.53
N ALA A 26 15.24 19.06 32.57
CA ALA A 26 14.89 18.06 33.57
C ALA A 26 15.78 16.83 33.54
N LEU A 27 16.48 16.62 32.42
CA LEU A 27 17.42 15.51 32.28
C LEU A 27 18.79 15.87 32.86
N VAL A 28 19.29 17.06 32.55
CA VAL A 28 20.55 17.54 33.12
C VAL A 28 20.37 17.80 34.62
N GLN A 29 19.21 18.36 34.98
CA GLN A 29 18.80 18.57 36.37
C GLN A 29 18.85 17.27 37.18
N ASP A 30 18.33 16.19 36.58
CA ASP A 30 18.28 14.89 37.24
C ASP A 30 19.67 14.31 37.50
N LEU A 31 20.54 14.36 36.49
CA LEU A 31 21.89 13.80 36.61
C LEU A 31 22.70 14.52 37.69
N GLU A 32 22.73 15.85 37.62
CA GLU A 32 23.45 16.68 38.60
C GLU A 32 23.10 16.32 40.04
N THR A 33 21.80 16.20 40.30
CA THR A 33 21.28 15.85 41.62
C THR A 33 21.41 14.35 41.97
N HIS A 34 22.06 13.56 41.11
CA HIS A 34 22.28 12.14 41.40
C HIS A 34 23.73 11.76 41.16
N GLY A 35 24.63 12.62 41.60
CA GLY A 35 26.06 12.33 41.60
C GLY A 35 26.79 12.63 40.31
N PHE A 36 26.44 13.76 39.68
CA PHE A 36 27.18 14.26 38.51
C PHE A 36 27.40 15.76 38.58
N ASP A 37 28.43 16.23 37.89
CA ASP A 37 28.75 17.64 37.76
C ASP A 37 27.78 18.35 36.82
N LYS A 38 27.99 19.66 36.69
CA LYS A 38 27.35 20.43 35.63
C LYS A 38 27.86 19.93 34.29
N THR A 39 29.19 19.81 34.17
CA THR A 39 29.84 19.49 32.89
C THR A 39 29.58 18.05 32.46
N GLN A 40 29.64 17.15 33.43
CA GLN A 40 29.38 15.74 33.20
C GLN A 40 27.94 15.48 32.75
N ALA A 41 26.98 16.17 33.37
CA ALA A 41 25.56 16.01 33.05
C ALA A 41 25.21 16.61 31.69
N GLU A 42 25.82 17.75 31.36
CA GLU A 42 25.56 18.41 30.08
C GLU A 42 26.19 17.67 28.91
N THR A 43 27.40 17.17 29.09
CA THR A 43 28.09 16.42 28.03
C THR A 43 27.45 15.06 27.75
N ILE A 44 26.96 14.41 28.81
CA ILE A 44 26.19 13.20 28.68
C ILE A 44 24.95 13.49 27.82
N VAL A 45 24.18 14.47 28.26
CA VAL A 45 22.98 14.89 27.56
C VAL A 45 23.28 15.37 26.15
N SER A 46 24.41 16.03 25.94
CA SER A 46 24.83 16.40 24.58
C SER A 46 25.02 15.18 23.70
N ALA A 47 25.57 14.10 24.28
CA ALA A 47 25.74 12.85 23.54
C ALA A 47 24.41 12.15 23.20
N LEU A 48 23.50 12.08 24.18
CA LEU A 48 22.15 11.53 23.98
C LEU A 48 21.38 12.26 22.89
N THR A 49 21.37 13.58 22.96
CA THR A 49 20.81 14.42 21.90
C THR A 49 21.46 14.14 20.54
N ALA A 50 22.78 14.10 20.49
CA ALA A 50 23.48 13.88 19.24
C ALA A 50 22.99 12.60 18.55
N LEU A 51 22.99 11.48 19.27
CA LEU A 51 22.55 10.22 18.69
C LEU A 51 21.04 10.17 18.42
N SER A 52 20.22 10.63 19.37
CA SER A 52 18.79 10.78 19.13
C SER A 52 18.53 11.48 17.80
N ASN A 53 19.14 12.65 17.60
CA ASN A 53 18.82 13.50 16.46
C ASN A 53 19.26 12.98 15.10
N VAL A 54 20.43 12.32 15.06
CA VAL A 54 20.86 11.67 13.84
C VAL A 54 20.03 10.43 13.52
N SER A 55 19.67 9.66 14.56
CA SER A 55 18.86 8.45 14.39
C SER A 55 17.43 8.82 13.91
N LEU A 56 16.80 9.81 14.54
CA LEU A 56 15.49 10.29 14.13
C LEU A 56 15.52 10.81 12.71
N ASP A 57 16.55 11.59 12.41
CA ASP A 57 16.69 12.15 11.09
C ASP A 57 16.77 11.01 10.05
N THR A 58 17.50 9.94 10.37
CA THR A 58 17.61 8.81 9.46
C THR A 58 16.28 8.07 9.32
N ILE A 59 15.54 7.96 10.42
CA ILE A 59 14.22 7.31 10.40
C ILE A 59 13.22 8.13 9.60
N TYR A 60 13.12 9.41 9.89
CA TYR A 60 12.15 10.27 9.22
C TYR A 60 12.40 10.32 7.68
N LYS A 61 13.64 10.10 7.26
CA LYS A 61 13.97 10.02 5.83
C LYS A 61 13.71 8.66 5.21
N GLU A 62 14.05 7.61 5.93
CA GLU A 62 13.95 6.26 5.37
C GLU A 62 12.54 5.64 5.45
N MET A 63 11.70 6.16 6.33
CA MET A 63 10.38 5.56 6.57
C MET A 63 9.30 6.42 5.94
N VAL A 64 8.12 5.80 5.80
CA VAL A 64 6.99 6.39 5.17
C VAL A 64 6.12 7.09 6.20
N THR A 65 5.84 8.37 6.00
CA THR A 65 4.98 9.12 6.90
C THR A 65 3.53 8.90 6.50
N GLN A 66 2.60 9.21 7.41
CA GLN A 66 1.19 9.06 7.11
C GLN A 66 0.81 9.92 5.94
N ALA A 67 1.34 11.14 5.90
CA ALA A 67 1.03 12.07 4.76
C ALA A 67 1.51 11.51 3.39
N GLN A 68 2.70 10.90 3.35
CA GLN A 68 3.11 10.19 2.13
C GLN A 68 2.23 8.98 1.81
N GLN A 69 1.82 8.24 2.81
CA GLN A 69 0.96 7.08 2.61
C GLN A 69 -0.37 7.52 2.02
N GLU A 70 -0.94 8.58 2.55
CA GLU A 70 -2.21 9.03 2.11
C GLU A 70 -2.17 9.33 0.63
N ILE A 71 -1.09 9.99 0.17
CA ILE A 71 -0.97 10.38 -1.23
C ILE A 71 -0.87 9.16 -2.13
N THR A 72 -0.07 8.19 -1.70
CA THR A 72 0.06 6.97 -2.45
C THR A 72 -1.26 6.22 -2.52
N VAL A 73 -1.92 6.12 -1.38
CA VAL A 73 -3.21 5.38 -1.34
C VAL A 73 -4.22 6.05 -2.22
N GLN A 74 -4.32 7.39 -2.16
CA GLN A 74 -5.27 8.07 -2.98
C GLN A 74 -5.03 7.80 -4.48
N GLN A 75 -3.76 7.75 -4.85
CA GLN A 75 -3.39 7.51 -6.24
C GLN A 75 -3.82 6.11 -6.66
N LEU A 76 -3.58 5.14 -5.81
CA LEU A 76 -4.03 3.78 -6.08
C LEU A 76 -5.53 3.69 -6.14
N MET A 77 -6.24 4.41 -5.27
CA MET A 77 -7.71 4.44 -5.36
C MET A 77 -8.20 5.15 -6.59
N ALA A 78 -7.49 6.17 -7.05
CA ALA A 78 -7.84 6.79 -8.33
C ALA A 78 -7.68 5.81 -9.48
N HIS A 79 -6.60 5.02 -9.51
CA HIS A 79 -6.47 4.01 -10.56
C HIS A 79 -7.61 3.02 -10.50
N LEU A 80 -7.95 2.54 -9.29
CA LEU A 80 -8.99 1.54 -9.15
C LEU A 80 -10.32 2.15 -9.60
N ASP A 81 -10.58 3.42 -9.26
CA ASP A 81 -11.81 4.05 -9.70
C ASP A 81 -11.91 4.21 -11.18
N ALA A 82 -10.79 4.50 -11.85
CA ALA A 82 -10.86 4.60 -13.30
C ALA A 82 -11.16 3.26 -13.93
N ILE A 83 -10.55 2.19 -13.41
CA ILE A 83 -10.84 0.87 -13.97
C ILE A 83 -12.31 0.50 -13.73
N ARG A 84 -12.81 0.78 -12.54
CA ARG A 84 -14.24 0.51 -12.23
C ARG A 84 -15.16 1.28 -13.11
N LYS A 85 -14.80 2.52 -13.40
CA LYS A 85 -15.58 3.32 -14.32
C LYS A 85 -15.53 2.76 -15.77
N ASP A 86 -14.37 2.34 -16.25
CA ASP A 86 -14.33 1.64 -17.54
C ASP A 86 -15.13 0.34 -17.58
N MET A 87 -15.15 -0.39 -16.48
CA MET A 87 -15.91 -1.64 -16.33
C MET A 87 -17.39 -1.40 -16.40
N LYS A 88 -17.86 -0.37 -15.68
CA LYS A 88 -19.25 0.07 -15.80
C LYS A 88 -19.71 0.45 -17.19
N GLN A 89 -18.86 1.20 -17.93
CA GLN A 89 -19.21 1.63 -19.26
C GLN A 89 -19.30 0.42 -20.17
N LEU A 90 -18.39 -0.53 -20.00
CA LEU A 90 -18.41 -1.73 -20.83
C LEU A 90 -19.63 -2.59 -20.52
N GLU A 91 -19.97 -2.71 -19.24
CA GLU A 91 -21.21 -3.34 -18.84
C GLU A 91 -22.41 -2.68 -19.48
N TRP A 92 -22.48 -1.36 -19.51
CA TRP A 92 -23.58 -0.69 -20.11
C TRP A 92 -23.65 -0.98 -21.57
N LYS A 93 -22.52 -0.97 -22.24
CA LYS A 93 -22.48 -1.24 -23.65
C LYS A 93 -22.93 -2.69 -23.96
N VAL A 94 -22.61 -3.63 -23.09
CA VAL A 94 -23.07 -5.04 -23.29
C VAL A 94 -24.59 -5.14 -23.07
N GLU A 95 -25.08 -4.48 -22.05
CA GLU A 95 -26.52 -4.36 -21.84
C GLU A 95 -27.27 -3.84 -23.07
N GLU A 96 -26.74 -2.81 -23.70
CA GLU A 96 -27.35 -2.29 -24.91
C GLU A 96 -27.37 -3.38 -25.96
N LEU A 97 -26.23 -4.08 -26.11
CA LEU A 97 -26.15 -5.11 -27.11
C LEU A 97 -27.18 -6.23 -26.81
N LEU A 98 -27.29 -6.60 -25.53
CA LEU A 98 -28.28 -7.52 -25.05
C LEU A 98 -29.72 -7.18 -25.42
N SER A 99 -30.15 -5.96 -25.14
CA SER A 99 -31.41 -5.49 -25.63
C SER A 99 -31.60 -5.58 -27.13
N LYS A 100 -30.57 -5.25 -27.90
CA LYS A 100 -30.71 -5.36 -29.34
C LYS A 100 -30.80 -6.83 -29.76
N VAL A 101 -30.05 -7.71 -29.14
CA VAL A 101 -30.14 -9.14 -29.48
C VAL A 101 -31.54 -9.72 -29.16
N TYR A 102 -32.07 -9.37 -28.00
CA TYR A 102 -33.44 -9.73 -27.60
C TYR A 102 -34.50 -9.26 -28.56
N HIS A 103 -34.39 -8.01 -28.98
CA HIS A 103 -35.27 -7.49 -29.94
C HIS A 103 -35.17 -8.21 -31.28
N LEU A 104 -33.98 -8.51 -31.75
CA LEU A 104 -33.81 -9.31 -32.99
C LEU A 104 -34.40 -10.74 -32.82
N GLU A 105 -34.21 -11.36 -31.66
CA GLU A 105 -34.83 -12.66 -31.42
C GLU A 105 -36.32 -12.63 -31.63
N ASN A 106 -36.96 -11.59 -31.11
CA ASN A 106 -38.40 -11.45 -31.24
C ASN A 106 -38.77 -11.16 -32.68
N GLU A 107 -38.06 -10.24 -33.31
CA GLU A 107 -38.31 -9.95 -34.74
C GLU A 107 -38.16 -11.22 -35.60
N VAL A 108 -37.10 -11.96 -35.38
CA VAL A 108 -36.86 -13.18 -36.19
C VAL A 108 -37.98 -14.20 -35.96
N ALA A 109 -38.40 -14.37 -34.70
CA ALA A 109 -39.52 -15.27 -34.39
C ALA A 109 -40.79 -14.84 -35.10
N ARG A 110 -41.01 -13.53 -35.17
CA ARG A 110 -42.13 -12.99 -35.92
C ARG A 110 -42.05 -13.21 -37.41
N LEU A 111 -40.86 -12.99 -37.97
CA LEU A 111 -40.61 -13.27 -39.39
C LEU A 111 -40.81 -14.73 -39.77
N LYS A 112 -40.35 -15.65 -38.92
CA LYS A 112 -40.51 -17.08 -39.19
C LYS A 112 -41.99 -17.45 -39.29
N LYS A 113 -42.80 -16.79 -38.47
CA LYS A 113 -44.23 -16.99 -38.43
C LYS A 113 -44.88 -16.53 -39.75
N LEU A 114 -44.56 -15.31 -40.18
CA LEU A 114 -45.06 -14.75 -41.45
C LEU A 114 -44.75 -15.61 -42.65
N VAL A 115 -43.50 -16.00 -42.83
CA VAL A 115 -43.09 -16.86 -43.94
C VAL A 115 -43.55 -18.31 -43.77
N GLY A 116 -44.18 -18.64 -42.63
CA GLY A 116 -44.96 -19.87 -42.49
C GLY A 116 -44.10 -21.12 -42.37
N ASP B 23 32.07 8.33 14.34
CA ASP B 23 30.82 8.28 15.15
C ASP B 23 31.14 8.00 16.61
N THR B 24 31.67 6.83 16.94
CA THR B 24 32.01 6.48 18.34
C THR B 24 33.10 7.43 18.84
N HIS B 25 34.20 7.51 18.09
CA HIS B 25 35.37 8.30 18.49
C HIS B 25 35.04 9.67 19.08
N ALA B 26 34.55 10.59 18.25
CA ALA B 26 34.33 11.99 18.66
C ALA B 26 33.39 12.13 19.86
N LEU B 27 32.60 11.10 20.12
CA LEU B 27 31.70 11.06 21.29
C LEU B 27 32.46 10.60 22.55
N VAL B 28 33.26 9.53 22.44
CA VAL B 28 34.09 9.03 23.56
C VAL B 28 35.16 10.07 23.87
N GLN B 29 35.74 10.62 22.80
CA GLN B 29 36.71 11.70 22.89
C GLN B 29 36.19 12.90 23.68
N ASP B 30 34.94 13.30 23.41
CA ASP B 30 34.32 14.44 24.07
C ASP B 30 34.12 14.20 25.57
N LEU B 31 33.60 13.03 25.92
CA LEU B 31 33.35 12.69 27.32
C LEU B 31 34.63 12.69 28.16
N GLU B 32 35.65 11.98 27.67
CA GLU B 32 36.94 11.90 28.34
C GLU B 32 37.50 13.26 28.72
N THR B 33 37.47 14.17 27.75
CA THR B 33 37.96 15.53 27.93
C THR B 33 36.99 16.44 28.72
N HIS B 34 35.90 15.89 29.23
CA HIS B 34 34.96 16.67 30.04
C HIS B 34 34.61 15.94 31.33
N GLY B 35 35.63 15.37 31.95
CA GLY B 35 35.49 14.81 33.28
C GLY B 35 35.02 13.37 33.31
N PHE B 36 35.50 12.56 32.37
CA PHE B 36 35.26 11.12 32.40
C PHE B 36 36.53 10.32 32.05
N ASP B 37 36.56 9.07 32.51
CA ASP B 37 37.63 8.12 32.21
C ASP B 37 37.55 7.60 30.78
N LYS B 38 38.51 6.76 30.42
CA LYS B 38 38.44 5.95 29.22
C LYS B 38 37.29 4.97 29.35
N THR B 39 37.23 4.25 30.47
CA THR B 39 36.22 3.18 30.67
C THR B 39 34.81 3.74 30.83
N GLN B 40 34.68 4.83 31.57
CA GLN B 40 33.40 5.50 31.78
C GLN B 40 32.81 6.05 30.49
N ALA B 41 33.65 6.64 29.64
CA ALA B 41 33.22 7.22 28.37
C ALA B 41 32.86 6.15 27.35
N GLU B 42 33.60 5.06 27.32
CA GLU B 42 33.32 3.96 26.41
C GLU B 42 32.07 3.17 26.81
N THR B 43 31.90 2.93 28.11
CA THR B 43 30.72 2.21 28.60
C THR B 43 29.43 3.01 28.44
N ILE B 44 29.52 4.32 28.66
CA ILE B 44 28.40 5.21 28.39
C ILE B 44 28.01 5.07 26.91
N VAL B 45 28.98 5.29 26.02
CA VAL B 45 28.78 5.17 24.59
C VAL B 45 28.31 3.76 24.17
N SER B 46 28.82 2.73 24.84
CA SER B 46 28.32 1.38 24.61
C SER B 46 26.83 1.26 24.96
N ALA B 47 26.40 1.94 26.02
CA ALA B 47 24.99 1.95 26.41
C ALA B 47 24.11 2.71 25.39
N LEU B 48 24.56 3.89 24.95
CA LEU B 48 23.87 4.67 23.93
C LEU B 48 23.68 3.90 22.63
N THR B 49 24.76 3.29 22.15
CA THR B 49 24.69 2.36 21.02
C THR B 49 23.71 1.20 21.27
N ALA B 50 23.78 0.57 22.43
CA ALA B 50 22.90 -0.55 22.76
C ALA B 50 21.42 -0.20 22.59
N LEU B 51 20.99 0.89 23.22
CA LEU B 51 19.58 1.30 23.10
C LEU B 51 19.21 1.83 21.71
N SER B 52 20.06 2.66 21.12
CA SER B 52 19.90 3.06 19.74
C SER B 52 19.58 1.85 18.84
N ASN B 53 20.44 0.84 18.90
CA ASN B 53 20.36 -0.29 17.96
C ASN B 53 19.17 -1.22 18.16
N VAL B 54 18.76 -1.41 19.41
CA VAL B 54 17.54 -2.18 19.69
C VAL B 54 16.29 -1.39 19.30
N SER B 55 16.29 -0.08 19.52
CA SER B 55 15.21 0.78 19.10
C SER B 55 15.04 0.80 17.60
N LEU B 56 16.14 1.04 16.89
CA LEU B 56 16.10 1.05 15.43
C LEU B 56 15.66 -0.27 14.89
N ASP B 57 16.17 -1.35 15.45
CA ASP B 57 15.78 -2.69 15.05
C ASP B 57 14.24 -2.89 15.24
N THR B 58 13.69 -2.37 16.34
CA THR B 58 12.25 -2.49 16.59
C THR B 58 11.45 -1.66 15.60
N ILE B 59 11.97 -0.48 15.28
CA ILE B 59 11.35 0.41 14.34
C ILE B 59 11.38 -0.17 12.93
N TYR B 60 12.54 -0.64 12.48
CA TYR B 60 12.64 -1.22 11.13
C TYR B 60 11.71 -2.42 10.93
N LYS B 61 11.42 -3.16 11.99
CA LYS B 61 10.50 -4.30 11.94
C LYS B 61 9.04 -3.88 12.00
N GLU B 62 8.72 -2.88 12.81
CA GLU B 62 7.35 -2.50 13.00
C GLU B 62 6.80 -1.49 11.99
N MET B 63 7.67 -0.72 11.34
CA MET B 63 7.26 0.36 10.40
C MET B 63 7.61 0.11 8.94
N VAL B 64 6.98 0.86 8.04
CA VAL B 64 7.17 0.65 6.60
C VAL B 64 8.25 1.55 6.06
N THR B 65 9.29 0.98 5.46
CA THR B 65 10.36 1.79 4.85
C THR B 65 9.92 2.22 3.45
N GLN B 66 10.54 3.27 2.92
CA GLN B 66 10.30 3.71 1.55
C GLN B 66 10.60 2.59 0.55
N ALA B 67 11.68 1.86 0.78
CA ALA B 67 12.02 0.69 -0.07
C ALA B 67 10.94 -0.39 -0.07
N GLN B 68 10.40 -0.71 1.09
CA GLN B 68 9.29 -1.64 1.14
C GLN B 68 8.07 -1.09 0.43
N GLN B 69 7.78 0.18 0.62
CA GLN B 69 6.65 0.75 0.01
C GLN B 69 6.73 0.66 -1.53
N GLU B 70 7.87 1.01 -2.08
CA GLU B 70 8.06 0.95 -3.53
C GLU B 70 7.75 -0.43 -4.09
N ILE B 71 8.21 -1.46 -3.39
CA ILE B 71 8.01 -2.83 -3.85
C ILE B 71 6.53 -3.22 -3.80
N THR B 72 5.87 -2.86 -2.71
CA THR B 72 4.45 -3.13 -2.57
C THR B 72 3.64 -2.40 -3.65
N VAL B 73 3.95 -1.13 -3.87
CA VAL B 73 3.27 -0.38 -4.87
C VAL B 73 3.50 -0.97 -6.28
N GLN B 74 4.72 -1.39 -6.60
CA GLN B 74 4.96 -2.02 -7.88
C GLN B 74 4.16 -3.31 -8.08
N GLN B 75 4.03 -4.08 -7.01
CA GLN B 75 3.23 -5.32 -7.03
C GLN B 75 1.75 -5.05 -7.23
N LEU B 76 1.22 -4.06 -6.54
CA LEU B 76 -0.15 -3.64 -6.81
C LEU B 76 -0.34 -3.08 -8.23
N MET B 77 0.61 -2.29 -8.72
CA MET B 77 0.53 -1.79 -10.11
C MET B 77 0.62 -2.95 -11.13
N ALA B 78 1.39 -4.00 -10.83
CA ALA B 78 1.39 -5.19 -11.69
C ALA B 78 0.02 -5.87 -11.71
N HIS B 79 -0.64 -6.02 -10.58
CA HIS B 79 -2.03 -6.49 -10.61
C HIS B 79 -2.96 -5.57 -11.41
N LEU B 80 -2.87 -4.25 -11.21
CA LEU B 80 -3.70 -3.34 -11.95
C LEU B 80 -3.44 -3.43 -13.45
N ASP B 81 -2.18 -3.52 -13.84
CA ASP B 81 -1.83 -3.69 -15.28
C ASP B 81 -2.33 -4.99 -15.88
N ALA B 82 -2.32 -6.09 -15.11
CA ALA B 82 -2.93 -7.33 -15.59
C ALA B 82 -4.44 -7.19 -15.79
N ILE B 83 -5.12 -6.50 -14.89
CA ILE B 83 -6.55 -6.28 -15.06
C ILE B 83 -6.83 -5.41 -16.27
N ARG B 84 -6.06 -4.32 -16.45
CA ARG B 84 -6.19 -3.43 -17.62
C ARG B 84 -5.93 -4.17 -18.92
N LYS B 85 -4.93 -5.05 -18.93
CA LYS B 85 -4.72 -5.94 -20.08
C LYS B 85 -5.91 -6.88 -20.40
N ASP B 86 -6.48 -7.53 -19.38
CA ASP B 86 -7.67 -8.36 -19.57
C ASP B 86 -8.86 -7.55 -20.04
N MET B 87 -8.94 -6.32 -19.55
CA MET B 87 -9.97 -5.38 -19.92
C MET B 87 -9.94 -5.11 -21.44
N LYS B 88 -8.77 -4.81 -21.97
CA LYS B 88 -8.59 -4.63 -23.43
C LYS B 88 -9.05 -5.83 -24.27
N GLN B 89 -8.68 -7.04 -23.85
CA GLN B 89 -9.17 -8.26 -24.53
C GLN B 89 -10.72 -8.46 -24.46
N LEU B 90 -11.31 -8.17 -23.31
CA LEU B 90 -12.78 -8.17 -23.21
C LEU B 90 -13.40 -7.06 -24.11
N GLU B 91 -12.82 -5.85 -24.12
CA GLU B 91 -13.26 -4.79 -25.02
C GLU B 91 -13.25 -5.25 -26.45
N TRP B 92 -12.21 -5.94 -26.85
CA TRP B 92 -12.14 -6.44 -28.21
C TRP B 92 -13.28 -7.38 -28.50
N LYS B 93 -13.55 -8.25 -27.54
CA LYS B 93 -14.59 -9.22 -27.73
C LYS B 93 -16.02 -8.54 -27.79
N VAL B 94 -16.21 -7.45 -27.07
CA VAL B 94 -17.46 -6.71 -27.15
C VAL B 94 -17.61 -6.02 -28.50
N GLU B 95 -16.52 -5.44 -29.00
CA GLU B 95 -16.48 -4.91 -30.39
C GLU B 95 -16.86 -5.91 -31.46
N GLU B 96 -16.37 -7.14 -31.36
CA GLU B 96 -16.75 -8.23 -32.26
C GLU B 96 -18.24 -8.57 -32.11
N LEU B 97 -18.77 -8.63 -30.89
CA LEU B 97 -20.19 -8.82 -30.74
C LEU B 97 -20.97 -7.69 -31.34
N LEU B 98 -20.56 -6.46 -31.05
CA LEU B 98 -21.26 -5.29 -31.59
C LEU B 98 -21.37 -5.34 -33.12
N SER B 99 -20.26 -5.61 -33.81
CA SER B 99 -20.30 -5.75 -35.29
C SER B 99 -21.27 -6.78 -35.74
N LYS B 100 -21.29 -7.92 -35.06
CA LYS B 100 -22.20 -8.95 -35.50
C LYS B 100 -23.64 -8.53 -35.25
N VAL B 101 -23.90 -7.89 -34.13
CA VAL B 101 -25.29 -7.46 -33.81
C VAL B 101 -25.79 -6.44 -34.79
N TYR B 102 -24.92 -5.48 -35.13
CA TYR B 102 -25.20 -4.42 -36.16
C TYR B 102 -25.48 -4.97 -37.54
N HIS B 103 -24.70 -5.95 -37.94
CA HIS B 103 -24.94 -6.61 -39.19
C HIS B 103 -26.28 -7.39 -39.21
N LEU B 104 -26.60 -8.10 -38.14
CA LEU B 104 -27.91 -8.74 -38.03
C LEU B 104 -29.04 -7.74 -38.04
N GLU B 105 -28.88 -6.62 -37.33
CA GLU B 105 -29.93 -5.57 -37.43
C GLU B 105 -30.21 -5.18 -38.86
N ASN B 106 -29.17 -4.97 -39.64
CA ASN B 106 -29.36 -4.59 -41.04
C ASN B 106 -30.03 -5.67 -41.90
N GLU B 107 -29.53 -6.91 -41.76
CA GLU B 107 -30.11 -8.03 -42.45
C GLU B 107 -31.60 -8.18 -42.11
N VAL B 108 -31.94 -8.03 -40.83
CA VAL B 108 -33.31 -8.21 -40.40
C VAL B 108 -34.15 -7.09 -40.96
N ALA B 109 -33.65 -5.85 -40.90
CA ALA B 109 -34.43 -4.69 -41.39
C ALA B 109 -34.75 -4.90 -42.87
N ARG B 110 -33.79 -5.47 -43.58
CA ARG B 110 -34.00 -5.76 -44.99
C ARG B 110 -35.06 -6.83 -45.16
N LEU B 111 -34.95 -7.91 -44.39
CA LEU B 111 -35.91 -9.02 -44.45
C LEU B 111 -37.33 -8.60 -44.17
N LYS B 112 -37.48 -7.72 -43.20
CA LYS B 112 -38.83 -7.22 -42.88
C LYS B 112 -39.45 -6.52 -44.10
N LYS B 113 -38.64 -5.79 -44.84
CA LYS B 113 -39.15 -5.07 -46.02
C LYS B 113 -39.60 -6.01 -47.10
N LEU B 114 -38.76 -6.99 -47.42
CA LEU B 114 -39.07 -8.00 -48.39
C LEU B 114 -40.41 -8.70 -48.11
N VAL B 115 -40.57 -9.22 -46.89
CA VAL B 115 -41.82 -9.89 -46.50
C VAL B 115 -42.97 -8.91 -46.11
N GLY B 116 -42.68 -7.61 -45.97
CA GLY B 116 -43.62 -6.66 -45.34
C GLY B 116 -44.07 -5.56 -46.26
N ASP C 23 17.19 -4.50 27.79
CA ASP C 23 16.60 -4.40 29.15
C ASP C 23 17.50 -3.76 30.24
N THR C 24 16.85 -3.38 31.35
CA THR C 24 17.44 -2.46 32.30
C THR C 24 18.65 -3.08 33.02
N HIS C 25 18.44 -4.23 33.66
CA HIS C 25 19.46 -4.87 34.50
C HIS C 25 20.87 -4.87 33.91
N ALA C 26 21.06 -5.64 32.82
CA ALA C 26 22.40 -5.83 32.23
C ALA C 26 23.08 -4.52 31.81
N LEU C 27 22.28 -3.46 31.64
CA LEU C 27 22.81 -2.13 31.31
C LEU C 27 23.26 -1.38 32.57
N VAL C 28 22.43 -1.40 33.60
CA VAL C 28 22.78 -0.78 34.89
C VAL C 28 23.93 -1.57 35.52
N GLN C 29 23.85 -2.89 35.43
CA GLN C 29 24.91 -3.82 35.86
C GLN C 29 26.25 -3.47 35.23
N ASP C 30 26.24 -3.20 33.93
CA ASP C 30 27.46 -2.90 33.18
C ASP C 30 28.11 -1.59 33.62
N LEU C 31 27.30 -0.53 33.76
CA LEU C 31 27.80 0.77 34.17
C LEU C 31 28.44 0.74 35.56
N GLU C 32 27.72 0.18 36.53
CA GLU C 32 28.20 0.06 37.91
C GLU C 32 29.59 -0.57 37.99
N THR C 33 29.76 -1.68 37.28
CA THR C 33 31.03 -2.41 37.22
C THR C 33 32.09 -1.76 36.31
N HIS C 34 31.81 -0.57 35.77
CA HIS C 34 32.80 0.15 34.96
C HIS C 34 32.94 1.61 35.41
N GLY C 35 32.95 1.81 36.72
CA GLY C 35 33.23 3.11 37.31
C GLY C 35 32.03 4.02 37.47
N PHE C 36 30.89 3.46 37.85
CA PHE C 36 29.70 4.25 38.20
C PHE C 36 29.03 3.73 39.46
N ASP C 37 28.29 4.62 40.11
CA ASP C 37 27.50 4.29 41.29
C ASP C 37 26.25 3.50 40.93
N LYS C 38 25.50 3.14 41.97
CA LYS C 38 24.14 2.63 41.80
C LYS C 38 23.25 3.74 41.22
N THR C 39 23.32 4.91 41.84
CA THR C 39 22.46 6.04 41.47
C THR C 39 22.78 6.63 40.10
N GLN C 40 24.09 6.75 39.82
CA GLN C 40 24.57 7.26 38.55
C GLN C 40 24.17 6.34 37.38
N ALA C 41 24.27 5.03 37.59
CA ALA C 41 23.95 4.03 36.56
C ALA C 41 22.43 3.94 36.30
N GLU C 42 21.64 4.04 37.35
CA GLU C 42 20.18 3.99 37.22
C GLU C 42 19.60 5.26 36.61
N THR C 43 20.12 6.42 37.01
CA THR C 43 19.65 7.70 36.44
C THR C 43 20.04 7.86 34.97
N ILE C 44 21.24 7.40 34.60
CA ILE C 44 21.66 7.37 33.21
C ILE C 44 20.65 6.54 32.43
N VAL C 45 20.46 5.30 32.87
CA VAL C 45 19.53 4.37 32.24
C VAL C 45 18.09 4.90 32.24
N SER C 46 17.68 5.59 33.30
CA SER C 46 16.38 6.26 33.32
C SER C 46 16.27 7.30 32.20
N ALA C 47 17.36 8.02 31.94
CA ALA C 47 17.39 9.02 30.88
C ALA C 47 17.34 8.38 29.47
N LEU C 48 18.12 7.32 29.26
CA LEU C 48 18.08 6.56 27.99
C LEU C 48 16.69 6.01 27.67
N THR C 49 16.07 5.35 28.64
CA THR C 49 14.68 4.91 28.54
C THR C 49 13.72 6.09 28.23
N ALA C 50 13.86 7.20 28.94
CA ALA C 50 12.98 8.35 28.74
C ALA C 50 12.97 8.82 27.28
N LEU C 51 14.16 9.05 26.72
CA LEU C 51 14.25 9.51 25.32
C LEU C 51 13.88 8.43 24.30
N SER C 52 14.36 7.21 24.49
CA SER C 52 13.88 6.08 23.71
C SER C 52 12.35 6.08 23.58
N ASN C 53 11.66 6.10 24.72
CA ASN C 53 10.21 5.90 24.75
C ASN C 53 9.37 7.06 24.17
N VAL C 54 9.84 8.28 24.37
CA VAL C 54 9.20 9.43 23.73
C VAL C 54 9.46 9.45 22.22
N SER C 55 10.67 9.06 21.81
CA SER C 55 11.00 8.96 20.39
C SER C 55 10.18 7.91 19.66
N LEU C 56 10.14 6.71 20.22
CA LEU C 56 9.33 5.62 19.66
C LEU C 56 7.87 6.00 19.59
N ASP C 57 7.38 6.61 20.66
CA ASP C 57 6.00 7.07 20.68
C ASP C 57 5.73 8.08 19.52
N THR C 58 6.69 8.97 19.26
CA THR C 58 6.54 9.96 18.19
C THR C 58 6.57 9.29 16.81
N ILE C 59 7.43 8.29 16.68
CA ILE C 59 7.57 7.57 15.45
C ILE C 59 6.32 6.76 15.16
N TYR C 60 5.86 5.99 16.14
CA TYR C 60 4.64 5.17 15.95
C TYR C 60 3.41 5.98 15.56
N LYS C 61 3.34 7.22 16.02
CA LYS C 61 2.25 8.13 15.65
C LYS C 61 2.38 8.72 14.27
N GLU C 62 3.59 9.10 13.89
CA GLU C 62 3.80 9.82 12.62
C GLU C 62 3.99 8.93 11.42
N MET C 63 4.53 7.74 11.64
CA MET C 63 4.83 6.82 10.54
C MET C 63 3.75 5.73 10.38
N VAL C 64 3.89 4.95 9.32
CA VAL C 64 2.97 3.88 8.99
C VAL C 64 3.48 2.60 9.55
N THR C 65 2.67 1.93 10.39
CA THR C 65 3.08 0.66 10.93
C THR C 65 2.83 -0.42 9.89
N GLN C 66 3.55 -1.52 10.03
CA GLN C 66 3.34 -2.68 9.18
C GLN C 66 1.91 -3.22 9.33
N ALA C 67 1.37 -3.21 10.53
CA ALA C 67 -0.05 -3.58 10.74
C ALA C 67 -1.02 -2.72 9.96
N GLN C 68 -0.81 -1.40 9.95
CA GLN C 68 -1.67 -0.55 9.15
C GLN C 68 -1.49 -0.84 7.63
N GLN C 69 -0.26 -1.06 7.22
CA GLN C 69 0.02 -1.36 5.83
C GLN C 69 -0.68 -2.64 5.36
N GLU C 70 -0.60 -3.68 6.17
CA GLU C 70 -1.22 -4.97 5.86
C GLU C 70 -2.73 -4.84 5.64
N ILE C 71 -3.39 -4.04 6.46
CA ILE C 71 -4.78 -3.81 6.34
C ILE C 71 -5.09 -3.05 5.03
N THR C 72 -4.32 -2.01 4.74
CA THR C 72 -4.53 -1.20 3.52
C THR C 72 -4.34 -2.07 2.26
N VAL C 73 -3.28 -2.86 2.28
CA VAL C 73 -3.01 -3.75 1.15
C VAL C 73 -4.13 -4.76 0.97
N GLN C 74 -4.59 -5.36 2.06
CA GLN C 74 -5.72 -6.28 1.91
C GLN C 74 -6.98 -5.66 1.33
N GLN C 75 -7.25 -4.42 1.73
CA GLN C 75 -8.35 -3.69 1.22
C GLN C 75 -8.19 -3.40 -0.29
N LEU C 76 -7.01 -2.95 -0.70
CA LEU C 76 -6.77 -2.73 -2.13
C LEU C 76 -6.88 -4.06 -2.92
N MET C 77 -6.37 -5.17 -2.38
CA MET C 77 -6.52 -6.50 -3.04
C MET C 77 -7.98 -6.93 -3.10
N ALA C 78 -8.77 -6.57 -2.08
CA ALA C 78 -10.21 -6.82 -2.13
C ALA C 78 -10.88 -6.03 -3.25
N HIS C 79 -10.51 -4.76 -3.45
CA HIS C 79 -11.03 -4.03 -4.60
C HIS C 79 -10.63 -4.71 -5.92
N LEU C 80 -9.37 -5.09 -6.05
CA LEU C 80 -8.91 -5.73 -7.30
C LEU C 80 -9.63 -7.03 -7.54
N ASP C 81 -9.84 -7.83 -6.50
CA ASP C 81 -10.61 -9.06 -6.63
C ASP C 81 -12.05 -8.84 -7.05
N ALA C 82 -12.71 -7.80 -6.53
CA ALA C 82 -14.06 -7.53 -6.96
C ALA C 82 -14.11 -7.13 -8.45
N ILE C 83 -13.17 -6.32 -8.91
CA ILE C 83 -13.13 -5.99 -10.33
C ILE C 83 -12.87 -7.24 -11.20
N ARG C 84 -11.90 -8.07 -10.81
CA ARG C 84 -11.65 -9.31 -11.58
C ARG C 84 -12.90 -10.14 -11.65
N LYS C 85 -13.62 -10.26 -10.53
CA LYS C 85 -14.86 -11.00 -10.56
C LYS C 85 -15.91 -10.44 -11.51
N ASP C 86 -16.13 -9.13 -11.49
CA ASP C 86 -17.00 -8.55 -12.46
C ASP C 86 -16.61 -8.79 -13.87
N MET C 87 -15.33 -8.72 -14.15
CA MET C 87 -14.85 -8.87 -15.52
C MET C 87 -15.12 -10.27 -16.04
N LYS C 88 -14.88 -11.27 -15.19
CA LYS C 88 -15.25 -12.69 -15.51
C LYS C 88 -16.69 -12.89 -15.85
N GLN C 89 -17.55 -12.28 -15.05
CA GLN C 89 -19.00 -12.38 -15.27
C GLN C 89 -19.40 -11.71 -16.58
N LEU C 90 -18.80 -10.57 -16.89
CA LEU C 90 -19.13 -9.85 -18.10
C LEU C 90 -18.65 -10.68 -19.29
N GLU C 91 -17.47 -11.25 -19.17
CA GLU C 91 -16.96 -12.15 -20.20
C GLU C 91 -17.92 -13.27 -20.48
N TRP C 92 -18.44 -13.89 -19.41
CA TRP C 92 -19.36 -14.99 -19.60
C TRP C 92 -20.65 -14.51 -20.27
N LYS C 93 -21.11 -13.33 -19.91
CA LYS C 93 -22.30 -12.78 -20.51
C LYS C 93 -22.12 -12.43 -22.01
N VAL C 94 -20.92 -12.01 -22.39
CA VAL C 94 -20.59 -11.73 -23.80
C VAL C 94 -20.55 -13.01 -24.62
N GLU C 95 -19.94 -14.06 -24.05
CA GLU C 95 -19.99 -15.40 -24.67
C GLU C 95 -21.38 -15.93 -24.92
N GLU C 96 -22.28 -15.73 -23.96
CA GLU C 96 -23.67 -16.11 -24.16
C GLU C 96 -24.34 -15.28 -25.26
N LEU C 97 -24.08 -13.97 -25.29
CA LEU C 97 -24.62 -13.15 -26.34
C LEU C 97 -24.10 -13.59 -27.69
N LEU C 98 -22.83 -13.92 -27.75
CA LEU C 98 -22.21 -14.42 -29.01
C LEU C 98 -22.90 -15.66 -29.52
N SER C 99 -23.13 -16.63 -28.65
CA SER C 99 -23.89 -17.82 -29.07
C SER C 99 -25.26 -17.52 -29.57
N LYS C 100 -25.96 -16.59 -28.92
CA LYS C 100 -27.28 -16.31 -29.37
C LYS C 100 -27.20 -15.63 -30.73
N VAL C 101 -26.20 -14.74 -30.93
CA VAL C 101 -26.03 -14.05 -32.23
C VAL C 101 -25.76 -15.07 -33.33
N TYR C 102 -24.92 -16.03 -33.04
CA TYR C 102 -24.68 -17.13 -33.94
C TYR C 102 -25.94 -17.90 -34.40
N HIS C 103 -26.76 -18.25 -33.44
CA HIS C 103 -28.05 -18.89 -33.73
C HIS C 103 -29.00 -18.03 -34.57
N LEU C 104 -29.07 -16.74 -34.27
CA LEU C 104 -29.82 -15.80 -35.10
C LEU C 104 -29.24 -15.66 -36.53
N GLU C 105 -27.93 -15.61 -36.63
CA GLU C 105 -27.31 -15.54 -37.96
C GLU C 105 -27.75 -16.72 -38.81
N ASN C 106 -27.79 -17.91 -38.22
CA ASN C 106 -28.21 -19.09 -38.94
C ASN C 106 -29.68 -19.00 -39.33
N GLU C 107 -30.52 -18.60 -38.40
CA GLU C 107 -31.95 -18.42 -38.70
C GLU C 107 -32.17 -17.40 -39.81
N VAL C 108 -31.48 -16.27 -39.71
CA VAL C 108 -31.65 -15.21 -40.67
C VAL C 108 -31.15 -15.71 -42.07
N ALA C 109 -30.00 -16.39 -42.09
CA ALA C 109 -29.50 -16.94 -43.37
C ALA C 109 -30.52 -17.90 -43.99
N ARG C 110 -31.18 -18.69 -43.15
CA ARG C 110 -32.20 -19.62 -43.59
C ARG C 110 -33.41 -18.90 -44.14
N LEU C 111 -33.87 -17.87 -43.41
CA LEU C 111 -34.96 -17.04 -43.88
C LEU C 111 -34.68 -16.36 -45.21
N LYS C 112 -33.48 -15.85 -45.40
CA LYS C 112 -33.13 -15.18 -46.64
C LYS C 112 -33.25 -16.15 -47.81
N LYS C 113 -32.88 -17.40 -47.58
CA LYS C 113 -32.96 -18.41 -48.61
C LYS C 113 -34.41 -18.69 -49.02
N LEU C 114 -35.26 -18.93 -48.03
CA LEU C 114 -36.70 -19.15 -48.26
C LEU C 114 -37.33 -18.02 -49.09
N VAL C 115 -37.13 -16.78 -48.67
CA VAL C 115 -37.72 -15.63 -49.39
C VAL C 115 -36.92 -15.22 -50.63
N GLY C 116 -35.73 -15.79 -50.81
CA GLY C 116 -34.78 -15.30 -51.82
C GLY C 116 -34.52 -16.36 -52.86
#